data_3V7K
#
_entry.id   3V7K
#
_cell.length_a   56.464
_cell.length_b   75.508
_cell.length_c   117.359
_cell.angle_alpha   90.00
_cell.angle_beta   90.00
_cell.angle_gamma   90.00
#
_symmetry.space_group_name_H-M   'P 21 21 21'
#
loop_
_entity.id
_entity.type
_entity.pdbx_description
1 polymer 'DNA polymerase beta'
2 polymer "DNA (5'-D(P*AP*TP*GP*TP*GP*AP*GP*T)-3')"
3 polymer "DNA (5'-D(P*CP*AP*AP*AP*CP*TP*CP*AP*CP*AP*A)-3')"
4 non-polymer 'SODIUM ION'
5 water water
#
loop_
_entity_poly.entity_id
_entity_poly.type
_entity_poly.pdbx_seq_one_letter_code
_entity_poly.pdbx_strand_id
1 'polypeptide(L)'
;MGHHHHHHRKAPQETLNGGITDMLVELANFEKNVSQAIHKYNAYRKAASVIAKYPHKIKSGAEAKKLPGVGTKIAEEIDE
FLATGKLRKLEKIRQDDTSSSINFLTRVTGIGPSAARKLVDEGIKTLEDLRKNEDKLNHHQRIGLKYFEDFEKRIPREEM
LQMQDIVLNEVKKLDPEYIATVCGSFRRGAESSGDMDVLLTHPNFTSESSKQPKLLHRVVEQLQKVRFITDTLSKGETKF
MGVCQLPSENDENEYPHRRIDIRLIPKDQYYCGVLYFTGSDIFNKNMRAHALEKGFTINEYTIRPLGVTGVAGEPLPVDS
EQDIFDYIQWRYREPKDRSE
;
A
2 'polydeoxyribonucleotide' (DA)(DT)(DG)(DT)(DG)(DA)(DG)(DT) P
3 'polydeoxyribonucleotide' (DC)(DA)(DA)(DA)(DC)(DT)(DC)(DA)(DC)(DA)(DA) T
#
loop_
_chem_comp.id
_chem_comp.type
_chem_comp.name
_chem_comp.formula
DA DNA linking 2'-DEOXYADENOSINE-5'-MONOPHOSPHATE 'C10 H14 N5 O6 P'
DC DNA linking 2'-DEOXYCYTIDINE-5'-MONOPHOSPHATE 'C9 H14 N3 O7 P'
DG DNA linking 2'-DEOXYGUANOSINE-5'-MONOPHOSPHATE 'C10 H14 N5 O7 P'
DT DNA linking THYMIDINE-5'-MONOPHOSPHATE 'C10 H15 N2 O8 P'
NA non-polymer 'SODIUM ION' 'Na 1'
#
# COMPACT_ATOMS: atom_id res chain seq x y z
N LYS A 10 -9.89 -17.02 -19.79
CA LYS A 10 -8.87 -16.45 -18.92
C LYS A 10 -9.23 -15.01 -18.50
N ALA A 11 -9.94 -14.81 -17.38
CA ALA A 11 -10.40 -15.83 -16.39
C ALA A 11 -9.32 -16.74 -15.80
N PRO A 12 -8.48 -16.29 -14.85
CA PRO A 12 -8.54 -14.99 -14.14
C PRO A 12 -9.82 -14.66 -13.33
N GLN A 13 -9.88 -13.45 -12.79
CA GLN A 13 -10.89 -13.11 -11.77
C GLN A 13 -12.28 -12.74 -12.30
N GLU A 14 -13.30 -13.00 -11.47
CA GLU A 14 -14.68 -12.57 -11.72
C GLU A 14 -14.99 -11.32 -10.89
N THR A 15 -15.57 -10.23 -11.44
CA THR A 15 -16.15 -10.03 -12.81
C THR A 15 -17.57 -10.59 -13.01
N LEU A 16 -17.94 -11.60 -12.24
CA LEU A 16 -19.24 -12.23 -12.42
C LEU A 16 -20.26 -11.73 -11.40
N ASN A 17 -19.80 -11.52 -10.18
CA ASN A 17 -20.66 -11.01 -9.12
C ASN A 17 -20.09 -9.71 -8.51
N GLY A 18 -19.41 -8.90 -9.32
CA GLY A 18 -18.89 -7.63 -8.85
C GLY A 18 -19.92 -6.72 -8.17
N GLY A 19 -21.15 -6.73 -8.66
CA GLY A 19 -22.21 -5.91 -8.10
C GLY A 19 -22.54 -6.30 -6.67
N ILE A 20 -22.63 -7.60 -6.44
CA ILE A 20 -22.85 -8.09 -5.08
C ILE A 20 -21.65 -7.75 -4.20
N THR A 21 -20.44 -8.08 -4.67
CA THR A 21 -19.26 -7.89 -3.85
C THR A 21 -18.99 -6.41 -3.61
N ASP A 22 -19.27 -5.58 -4.61
CA ASP A 22 -19.19 -4.13 -4.40
C ASP A 22 -20.13 -3.68 -3.27
N MET A 23 -21.33 -4.26 -3.23
CA MET A 23 -22.30 -3.88 -2.20
C MET A 23 -21.77 -4.21 -0.82
N LEU A 24 -21.19 -5.39 -0.69
CA LEU A 24 -20.79 -5.88 0.62
C LEU A 24 -19.53 -5.19 1.12
N VAL A 25 -18.65 -4.82 0.21
CA VAL A 25 -17.44 -4.14 0.63
C VAL A 25 -17.76 -2.72 1.12
N GLU A 26 -18.73 -2.07 0.46
CA GLU A 26 -19.17 -0.75 0.89
C GLU A 26 -19.86 -0.82 2.25
N LEU A 27 -20.65 -1.87 2.43
CA LEU A 27 -21.30 -2.11 3.71
C LEU A 27 -20.28 -2.33 4.82
N ALA A 28 -19.19 -3.02 4.50
CA ALA A 28 -18.17 -3.31 5.48
C ALA A 28 -17.48 -2.02 5.89
N ASN A 29 -17.07 -1.23 4.91
N ASN A 29 -17.06 -1.23 4.90
CA ASN A 29 -16.40 0.04 5.16
CA ASN A 29 -16.43 0.06 5.12
C ASN A 29 -17.27 1.00 5.96
C ASN A 29 -17.28 0.93 6.03
N PHE A 30 -18.58 0.95 5.76
CA PHE A 30 -19.50 1.76 6.54
C PHE A 30 -19.50 1.30 7.98
N GLU A 31 -19.60 -0.01 8.20
CA GLU A 31 -19.71 -0.51 9.56
C GLU A 31 -18.38 -0.43 10.31
N LYS A 32 -17.27 -0.54 9.60
CA LYS A 32 -16.00 -0.46 10.28
C LYS A 32 -15.86 0.95 10.80
N ASN A 33 -15.99 1.88 9.88
CA ASN A 33 -15.51 3.19 10.22
C ASN A 33 -16.53 4.31 10.32
N VAL A 34 -17.81 4.00 10.12
CA VAL A 34 -18.87 4.90 10.54
C VAL A 34 -19.51 4.38 11.82
N SER A 35 -20.11 3.20 11.74
CA SER A 35 -20.48 2.51 12.97
C SER A 35 -19.17 2.10 13.60
N GLN A 36 -19.18 1.62 14.82
CA GLN A 36 -17.89 1.08 15.28
C GLN A 36 -18.02 -0.42 15.46
N ALA A 37 -18.46 -1.08 14.38
CA ALA A 37 -18.97 -2.43 14.48
C ALA A 37 -18.07 -3.48 13.82
N ILE A 38 -16.99 -3.83 14.53
CA ILE A 38 -15.92 -4.69 14.02
C ILE A 38 -16.39 -6.08 13.52
N HIS A 39 -17.43 -6.61 14.13
CA HIS A 39 -17.89 -7.93 13.75
C HIS A 39 -18.70 -7.92 12.48
N LYS A 40 -19.56 -6.93 12.36
CA LYS A 40 -20.26 -6.68 11.11
C LYS A 40 -19.28 -6.48 9.96
N TYR A 41 -18.27 -5.64 10.19
CA TYR A 41 -17.21 -5.38 9.22
C TYR A 41 -16.51 -6.65 8.78
N ASN A 42 -16.08 -7.46 9.75
CA ASN A 42 -15.47 -8.74 9.47
C ASN A 42 -16.41 -9.64 8.65
N ALA A 43 -17.66 -9.77 9.08
CA ALA A 43 -18.61 -10.65 8.39
C ALA A 43 -18.87 -10.23 6.92
N TYR A 44 -19.08 -8.94 6.68
CA TYR A 44 -19.20 -8.44 5.31
C TYR A 44 -17.96 -8.71 4.46
N ARG A 45 -16.78 -8.53 5.06
CA ARG A 45 -15.53 -8.67 4.35
C ARG A 45 -15.32 -10.12 3.88
N LYS A 46 -15.56 -11.06 4.78
CA LYS A 46 -15.38 -12.46 4.45
C LYS A 46 -16.47 -12.93 3.47
N ALA A 47 -17.70 -12.46 3.66
CA ALA A 47 -18.78 -12.76 2.72
C ALA A 47 -18.45 -12.25 1.31
N ALA A 48 -17.91 -11.04 1.21
CA ALA A 48 -17.45 -10.50 -0.08
C ALA A 48 -16.36 -11.38 -0.70
N SER A 49 -15.41 -11.79 0.11
CA SER A 49 -14.25 -12.53 -0.38
C SER A 49 -14.63 -13.91 -0.89
N VAL A 50 -15.57 -14.55 -0.22
CA VAL A 50 -15.96 -15.91 -0.60
C VAL A 50 -16.86 -15.90 -1.84
N ILE A 51 -17.71 -14.87 -1.96
CA ILE A 51 -18.58 -14.72 -3.11
C ILE A 51 -17.75 -14.41 -4.36
N ALA A 52 -16.73 -13.58 -4.18
CA ALA A 52 -15.81 -13.24 -5.26
C ALA A 52 -15.08 -14.45 -5.85
N LYS A 53 -14.94 -15.52 -5.06
CA LYS A 53 -14.31 -16.75 -5.55
C LYS A 53 -15.31 -17.60 -6.34
N TYR A 54 -16.59 -17.35 -6.09
CA TYR A 54 -17.68 -18.17 -6.65
C TYR A 54 -17.73 -18.06 -8.18
N PRO A 55 -17.60 -19.20 -8.86
CA PRO A 55 -17.44 -19.19 -10.32
C PRO A 55 -18.77 -19.04 -11.10
N HIS A 56 -19.90 -18.98 -10.40
CA HIS A 56 -21.20 -18.79 -11.06
C HIS A 56 -21.89 -17.45 -10.74
N LYS A 57 -22.69 -16.97 -11.69
CA LYS A 57 -23.49 -15.76 -11.50
C LYS A 57 -24.64 -16.01 -10.53
N ILE A 58 -24.51 -15.53 -9.29
CA ILE A 58 -25.52 -15.71 -8.25
C ILE A 58 -26.87 -15.17 -8.70
N LYS A 59 -27.91 -15.98 -8.54
CA LYS A 59 -29.24 -15.63 -9.03
C LYS A 59 -30.22 -15.47 -7.87
N SER A 60 -29.80 -15.90 -6.68
CA SER A 60 -30.66 -15.71 -5.51
C SER A 60 -29.86 -15.52 -4.23
N GLY A 61 -30.53 -15.03 -3.19
CA GLY A 61 -29.93 -15.02 -1.87
C GLY A 61 -29.63 -16.43 -1.37
N ALA A 62 -30.54 -17.37 -1.64
CA ALA A 62 -30.37 -18.74 -1.16
C ALA A 62 -29.13 -19.41 -1.79
N GLU A 63 -28.83 -19.07 -3.04
CA GLU A 63 -27.63 -19.61 -3.70
C GLU A 63 -26.38 -19.11 -3.00
N ALA A 64 -26.37 -17.82 -2.68
CA ALA A 64 -25.26 -17.23 -1.93
C ALA A 64 -25.18 -17.82 -0.52
N LYS A 65 -26.34 -18.02 0.11
CA LYS A 65 -26.45 -18.61 1.44
C LYS A 65 -25.70 -19.94 1.67
N LYS A 66 -25.51 -20.73 0.63
CA LYS A 66 -24.89 -22.04 0.81
C LYS A 66 -23.40 -21.88 1.08
N LEU A 67 -22.88 -20.72 0.68
CA LEU A 67 -21.48 -20.44 0.88
C LEU A 67 -21.21 -20.26 2.37
N PRO A 68 -20.03 -20.67 2.83
CA PRO A 68 -19.64 -20.38 4.22
C PRO A 68 -19.29 -18.92 4.31
N GLY A 69 -19.70 -18.28 5.40
CA GLY A 69 -19.53 -16.84 5.54
C GLY A 69 -20.79 -16.09 5.15
N VAL A 70 -21.67 -16.74 4.41
CA VAL A 70 -22.90 -16.09 3.97
C VAL A 70 -24.09 -16.59 4.77
N GLY A 71 -24.62 -15.71 5.63
CA GLY A 71 -25.75 -16.03 6.48
C GLY A 71 -27.04 -15.42 5.96
N THR A 72 -28.07 -15.42 6.80
CA THR A 72 -29.43 -15.12 6.37
C THR A 72 -29.56 -13.64 6.04
N LYS A 73 -28.91 -12.80 6.84
CA LYS A 73 -29.00 -11.37 6.64
C LYS A 73 -28.39 -10.93 5.31
N ILE A 74 -27.25 -11.52 4.95
CA ILE A 74 -26.62 -11.14 3.70
C ILE A 74 -27.39 -11.73 2.51
N ALA A 75 -27.82 -12.99 2.64
CA ALA A 75 -28.72 -13.59 1.64
C ALA A 75 -29.95 -12.70 1.35
N GLU A 76 -30.60 -12.16 2.39
CA GLU A 76 -31.75 -11.25 2.16
C GLU A 76 -31.36 -9.93 1.48
N GLU A 77 -30.17 -9.42 1.78
CA GLU A 77 -29.69 -8.20 1.13
C GLU A 77 -29.48 -8.47 -0.34
N ILE A 78 -28.96 -9.65 -0.64
CA ILE A 78 -28.76 -10.05 -2.01
C ILE A 78 -30.08 -10.15 -2.80
N ASP A 79 -31.12 -10.71 -2.20
CA ASP A 79 -32.46 -10.70 -2.84
C ASP A 79 -32.86 -9.29 -3.27
N GLU A 80 -32.85 -8.37 -2.30
CA GLU A 80 -33.24 -6.99 -2.56
C GLU A 80 -32.40 -6.42 -3.69
N PHE A 81 -31.09 -6.62 -3.61
CA PHE A 81 -30.20 -6.15 -4.66
C PHE A 81 -30.43 -6.85 -5.98
N LEU A 82 -30.68 -8.16 -5.94
CA LEU A 82 -31.01 -8.87 -7.18
C LEU A 82 -32.34 -8.39 -7.77
N ALA A 83 -33.37 -8.29 -6.92
CA ALA A 83 -34.72 -7.91 -7.38
C ALA A 83 -34.80 -6.48 -7.94
N THR A 84 -34.40 -5.53 -7.11
CA THR A 84 -34.29 -4.15 -7.52
C THR A 84 -32.89 -4.06 -8.06
N GLY A 85 -32.38 -2.91 -8.46
CA GLY A 85 -30.98 -2.90 -8.83
C GLY A 85 -30.09 -2.32 -7.74
N LYS A 86 -30.57 -2.35 -6.49
CA LYS A 86 -30.01 -1.50 -5.44
C LYS A 86 -30.30 -2.07 -4.06
N LEU A 87 -29.62 -1.55 -3.04
CA LEU A 87 -30.00 -1.85 -1.68
C LEU A 87 -30.32 -0.51 -1.01
N ARG A 88 -31.59 -0.32 -0.69
CA ARG A 88 -32.03 0.88 0.01
C ARG A 88 -31.08 1.26 1.16
N LYS A 89 -30.66 0.28 1.96
CA LYS A 89 -29.79 0.55 3.08
C LYS A 89 -28.46 1.21 2.63
N LEU A 90 -28.03 0.89 1.42
CA LEU A 90 -26.76 1.36 0.89
C LEU A 90 -26.96 2.69 0.19
N GLU A 91 -28.13 2.85 -0.44
CA GLU A 91 -28.49 4.16 -0.98
C GLU A 91 -28.62 5.22 0.13
N LYS A 92 -29.08 4.82 1.32
CA LYS A 92 -29.18 5.77 2.42
C LYS A 92 -27.80 6.13 2.95
N ILE A 93 -26.94 5.13 3.16
CA ILE A 93 -25.55 5.36 3.54
C ILE A 93 -24.90 6.34 2.54
N ARG A 94 -25.05 6.05 1.26
CA ARG A 94 -24.47 6.90 0.21
C ARG A 94 -24.96 8.34 0.31
N GLN A 95 -26.25 8.53 0.62
CA GLN A 95 -26.82 9.86 0.69
C GLN A 95 -26.56 10.55 2.04
N ASP A 96 -26.06 9.79 3.01
CA ASP A 96 -25.82 10.29 4.35
C ASP A 96 -24.63 11.27 4.38
N ASP A 97 -24.90 12.49 4.83
CA ASP A 97 -23.87 13.51 4.97
C ASP A 97 -22.74 13.03 5.90
N THR A 98 -23.12 12.50 7.06
CA THR A 98 -22.18 12.00 8.06
C THR A 98 -21.13 11.05 7.49
N SER A 99 -21.59 10.00 6.83
CA SER A 99 -20.72 8.97 6.28
C SER A 99 -19.86 9.50 5.13
N SER A 100 -20.45 10.33 4.30
CA SER A 100 -19.74 10.93 3.17
C SER A 100 -18.63 11.86 3.66
N SER A 101 -18.93 12.59 4.74
CA SER A 101 -17.95 13.52 5.30
C SER A 101 -16.82 12.75 5.90
N ILE A 102 -17.16 11.68 6.63
CA ILE A 102 -16.16 10.79 7.21
C ILE A 102 -15.27 10.25 6.11
N ASN A 103 -15.84 9.87 4.97
CA ASN A 103 -14.98 9.27 3.94
C ASN A 103 -14.11 10.29 3.25
N PHE A 104 -14.66 11.47 3.00
CA PHE A 104 -13.84 12.54 2.47
C PHE A 104 -12.63 12.88 3.37
N LEU A 105 -12.84 12.94 4.68
CA LEU A 105 -11.77 13.46 5.57
C LEU A 105 -10.63 12.44 5.64
N THR A 106 -11.04 11.20 5.49
CA THR A 106 -10.17 10.05 5.45
C THR A 106 -9.13 10.12 4.30
N ARG A 107 -9.45 10.85 3.24
CA ARG A 107 -8.47 11.01 2.16
C ARG A 107 -7.21 11.78 2.59
N VAL A 108 -7.29 12.55 3.68
CA VAL A 108 -6.09 13.23 4.19
C VAL A 108 -5.15 12.25 4.88
N THR A 109 -3.92 12.12 4.39
CA THR A 109 -2.95 11.25 5.03
C THR A 109 -2.77 11.70 6.50
N GLY A 110 -2.98 10.77 7.42
CA GLY A 110 -2.94 11.06 8.85
C GLY A 110 -4.32 10.97 9.46
N ILE A 111 -5.32 11.32 8.67
CA ILE A 111 -6.68 11.17 9.16
C ILE A 111 -7.23 9.78 8.80
N GLY A 112 -7.74 9.13 9.82
CA GLY A 112 -8.39 7.85 9.68
C GLY A 112 -9.77 7.93 10.30
N PRO A 113 -10.47 6.80 10.41
CA PRO A 113 -11.84 6.76 10.92
C PRO A 113 -12.03 7.39 12.30
N SER A 114 -11.08 7.15 13.20
CA SER A 114 -11.20 7.66 14.56
C SER A 114 -11.13 9.19 14.59
N ALA A 115 -10.14 9.75 13.91
CA ALA A 115 -10.04 11.21 13.84
C ALA A 115 -11.14 11.81 12.94
N ALA A 116 -11.61 11.05 11.96
CA ALA A 116 -12.70 11.51 11.08
C ALA A 116 -14.02 11.59 11.82
N ARG A 117 -14.26 10.60 12.67
N ARG A 117 -14.30 10.58 12.63
CA ARG A 117 -15.46 10.54 13.50
CA ARG A 117 -15.49 10.61 13.45
C ARG A 117 -15.50 11.75 14.44
C ARG A 117 -15.50 11.83 14.37
N LYS A 118 -14.36 12.08 15.03
CA LYS A 118 -14.27 13.22 15.95
C LYS A 118 -14.50 14.55 15.23
N LEU A 119 -13.85 14.72 14.08
CA LEU A 119 -13.93 15.96 13.33
C LEU A 119 -15.33 16.24 12.81
N VAL A 120 -15.97 15.26 12.15
CA VAL A 120 -17.35 15.45 11.68
C VAL A 120 -18.33 15.72 12.83
N ASP A 121 -18.17 15.04 13.96
CA ASP A 121 -19.00 15.31 15.13
C ASP A 121 -18.84 16.74 15.62
N GLU A 122 -17.71 17.37 15.31
CA GLU A 122 -17.48 18.77 15.66
C GLU A 122 -17.85 19.72 14.53
N GLY A 123 -18.38 19.18 13.44
CA GLY A 123 -18.83 19.99 12.31
C GLY A 123 -17.77 20.22 11.25
N ILE A 124 -16.64 19.52 11.37
CA ILE A 124 -15.57 19.65 10.40
C ILE A 124 -15.75 18.61 9.30
N LYS A 125 -15.96 19.07 8.07
CA LYS A 125 -16.35 18.17 6.98
C LYS A 125 -15.59 18.38 5.67
N THR A 126 -15.12 19.60 5.45
CA THR A 126 -14.55 19.97 4.16
C THR A 126 -13.10 20.32 4.36
N LEU A 127 -12.37 20.52 3.27
CA LEU A 127 -11.01 21.01 3.35
C LEU A 127 -10.99 22.38 4.00
N GLU A 128 -11.75 23.30 3.41
CA GLU A 128 -11.95 24.63 3.95
C GLU A 128 -12.22 24.59 5.47
N ASP A 129 -13.12 23.73 5.92
CA ASP A 129 -13.36 23.57 7.36
C ASP A 129 -12.09 23.17 8.09
N LEU A 130 -11.33 22.24 7.49
CA LEU A 130 -10.09 21.76 8.09
C LEU A 130 -9.05 22.85 8.09
N ARG A 131 -9.01 23.62 7.00
CA ARG A 131 -8.02 24.69 6.90
C ARG A 131 -8.30 25.82 7.91
N LYS A 132 -9.48 25.80 8.53
CA LYS A 132 -9.84 26.75 9.59
C LYS A 132 -9.74 26.16 11.01
N ASN A 133 -9.46 24.86 11.10
CA ASN A 133 -9.27 24.19 12.39
C ASN A 133 -8.01 23.34 12.41
N GLU A 134 -6.90 23.93 12.00
CA GLU A 134 -5.64 23.20 11.98
C GLU A 134 -5.14 22.89 13.40
N ASP A 135 -5.72 23.57 14.37
CA ASP A 135 -5.43 23.34 15.78
C ASP A 135 -6.04 22.04 16.28
N LYS A 136 -6.97 21.46 15.51
CA LYS A 136 -7.51 20.14 15.87
C LYS A 136 -6.67 18.96 15.34
N LEU A 137 -5.67 19.25 14.50
CA LEU A 137 -4.86 18.20 13.84
C LEU A 137 -3.44 18.08 14.40
N ASN A 138 -2.84 16.89 14.30
CA ASN A 138 -1.43 16.69 14.63
C ASN A 138 -0.54 17.02 13.44
N HIS A 139 0.76 17.01 13.64
CA HIS A 139 1.72 17.32 12.57
C HIS A 139 1.53 16.51 11.27
N HIS A 140 1.42 15.19 11.36
CA HIS A 140 1.18 14.36 10.19
C HIS A 140 -0.04 14.89 9.43
N GLN A 141 -1.14 15.07 10.14
CA GLN A 141 -2.38 15.52 9.50
C GLN A 141 -2.28 16.92 8.90
N ARG A 142 -1.50 17.80 9.53
CA ARG A 142 -1.36 19.16 9.02
C ARG A 142 -0.57 19.18 7.73
N ILE A 143 0.44 18.31 7.67
CA ILE A 143 1.22 18.13 6.46
C ILE A 143 0.37 17.45 5.39
N GLY A 144 -0.44 16.47 5.80
CA GLY A 144 -1.41 15.87 4.90
C GLY A 144 -2.36 16.91 4.32
N LEU A 145 -2.71 17.91 5.13
CA LEU A 145 -3.68 18.92 4.70
C LEU A 145 -3.04 19.94 3.79
N LYS A 146 -1.91 20.49 4.23
CA LYS A 146 -1.12 21.41 3.41
C LYS A 146 -0.96 20.93 1.97
N TYR A 147 -0.69 19.65 1.78
CA TYR A 147 -0.45 19.14 0.43
C TYR A 147 -1.53 18.20 -0.09
N PHE A 148 -2.75 18.35 0.42
CA PHE A 148 -3.87 17.45 0.06
C PHE A 148 -4.07 17.34 -1.45
N GLU A 149 -4.06 18.46 -2.14
CA GLU A 149 -4.21 18.44 -3.60
C GLU A 149 -2.99 17.77 -4.28
N ASP A 150 -1.78 18.20 -3.90
CA ASP A 150 -0.57 17.60 -4.45
C ASP A 150 -0.50 16.08 -4.27
N PHE A 151 -1.00 15.58 -3.13
CA PHE A 151 -0.81 14.17 -2.76
C PHE A 151 -1.84 13.27 -3.42
N GLU A 152 -2.74 13.87 -4.19
CA GLU A 152 -3.69 13.07 -4.95
C GLU A 152 -3.30 13.14 -6.40
N LYS A 153 -2.35 14.03 -6.70
CA LYS A 153 -1.85 14.14 -8.07
C LYS A 153 -0.96 12.96 -8.45
N ARG A 154 -1.09 12.56 -9.70
CA ARG A 154 -0.29 11.49 -10.25
C ARG A 154 1.13 12.02 -10.42
N ILE A 155 2.11 11.13 -10.50
CA ILE A 155 3.48 11.59 -10.72
C ILE A 155 4.03 11.07 -12.05
N PRO A 156 4.29 11.97 -13.00
CA PRO A 156 4.82 11.52 -14.29
C PRO A 156 6.13 10.74 -14.15
N ARG A 157 6.43 9.90 -15.15
CA ARG A 157 7.57 9.03 -15.08
C ARG A 157 8.88 9.81 -15.14
N GLU A 158 8.94 10.77 -16.05
CA GLU A 158 10.12 11.63 -16.21
C GLU A 158 10.41 12.42 -14.93
N GLU A 159 9.40 12.56 -14.09
CA GLU A 159 9.58 13.16 -12.77
C GLU A 159 10.21 12.14 -11.80
N MET A 160 9.61 10.94 -11.74
CA MET A 160 10.16 9.86 -10.93
C MET A 160 11.64 9.60 -11.21
N LEU A 161 12.00 9.62 -12.49
CA LEU A 161 13.37 9.40 -12.90
C LEU A 161 14.28 10.49 -12.33
N GLN A 162 13.85 11.74 -12.44
CA GLN A 162 14.61 12.86 -11.88
C GLN A 162 14.73 12.72 -10.37
N MET A 163 13.67 12.28 -9.73
CA MET A 163 13.68 12.07 -8.30
C MET A 163 14.62 10.91 -7.98
N GLN A 164 14.60 9.90 -8.85
CA GLN A 164 15.46 8.74 -8.67
C GLN A 164 16.95 9.11 -8.61
N ASP A 165 17.44 9.85 -9.59
CA ASP A 165 18.88 10.12 -9.60
C ASP A 165 19.30 11.33 -8.78
N ILE A 166 18.42 11.89 -7.96
CA ILE A 166 18.94 12.75 -6.91
C ILE A 166 19.14 11.94 -5.64
N VAL A 167 18.18 11.10 -5.27
CA VAL A 167 18.42 10.27 -4.09
C VAL A 167 19.51 9.23 -4.35
N LEU A 168 19.61 8.73 -5.59
CA LEU A 168 20.65 7.76 -5.92
C LEU A 168 22.02 8.44 -5.87
N ASN A 169 22.10 9.68 -6.31
CA ASN A 169 23.38 10.39 -6.37
C ASN A 169 23.87 10.86 -5.02
N GLU A 170 22.97 11.41 -4.21
CA GLU A 170 23.34 11.89 -2.89
C GLU A 170 23.80 10.73 -2.01
N VAL A 171 23.14 9.60 -2.16
CA VAL A 171 23.49 8.40 -1.42
C VAL A 171 24.92 7.91 -1.73
N LYS A 172 25.26 7.91 -3.02
CA LYS A 172 26.60 7.57 -3.50
C LYS A 172 27.69 8.47 -2.91
N LYS A 173 27.45 9.78 -2.95
CA LYS A 173 28.41 10.77 -2.43
C LYS A 173 28.56 10.71 -0.92
N LEU A 174 27.65 9.98 -0.27
CA LEU A 174 27.77 9.76 1.16
C LEU A 174 28.70 8.57 1.43
N ASP A 175 28.50 7.51 0.66
CA ASP A 175 29.24 6.27 0.80
C ASP A 175 28.79 5.31 -0.31
N PRO A 176 29.73 4.87 -1.17
CA PRO A 176 29.37 4.03 -2.32
C PRO A 176 28.93 2.62 -1.93
N GLU A 177 29.04 2.28 -0.65
CA GLU A 177 28.62 0.97 -0.15
C GLU A 177 27.09 0.87 -0.07
N TYR A 178 26.44 2.02 0.17
CA TYR A 178 24.99 2.09 0.25
C TYR A 178 24.36 1.55 -1.02
N ILE A 179 23.30 0.77 -0.89
CA ILE A 179 22.50 0.38 -2.04
C ILE A 179 21.08 0.89 -1.86
N ALA A 180 20.64 1.73 -2.78
CA ALA A 180 19.31 2.31 -2.73
C ALA A 180 18.55 1.97 -4.01
N THR A 181 17.31 1.52 -3.88
CA THR A 181 16.49 1.22 -5.05
C THR A 181 15.07 1.72 -4.91
N VAL A 182 14.62 2.47 -5.92
CA VAL A 182 13.22 2.83 -5.99
C VAL A 182 12.44 1.69 -6.62
N CYS A 183 11.52 1.13 -5.85
CA CYS A 183 10.76 -0.03 -6.27
C CYS A 183 9.37 0.39 -6.75
N GLY A 184 8.38 -0.47 -6.52
CA GLY A 184 7.01 -0.20 -6.94
C GLY A 184 6.84 -0.23 -8.44
N SER A 185 5.63 0.08 -8.90
CA SER A 185 5.29 0.11 -10.31
C SER A 185 6.28 0.92 -11.17
N PHE A 186 6.87 1.96 -10.59
CA PHE A 186 7.91 2.72 -11.28
C PHE A 186 9.07 1.83 -11.71
N ARG A 187 9.51 0.95 -10.82
CA ARG A 187 10.59 0.05 -11.15
C ARG A 187 10.17 -0.91 -12.27
N ARG A 188 8.92 -1.37 -12.21
CA ARG A 188 8.40 -2.27 -13.24
C ARG A 188 7.99 -1.54 -14.52
N GLY A 189 8.20 -0.22 -14.56
CA GLY A 189 8.06 0.54 -15.80
C GLY A 189 6.85 1.46 -15.99
N ALA A 190 6.00 1.61 -14.97
CA ALA A 190 4.75 2.38 -15.14
C ALA A 190 4.94 3.85 -15.54
N GLU A 191 4.07 4.31 -16.43
CA GLU A 191 4.14 5.69 -16.93
C GLU A 191 3.89 6.72 -15.86
N SER A 192 3.31 6.29 -14.73
CA SER A 192 3.17 7.16 -13.56
C SER A 192 2.99 6.40 -12.25
N SER A 193 3.39 7.05 -11.15
CA SER A 193 3.17 6.53 -9.80
C SER A 193 2.50 7.61 -8.98
N GLY A 194 2.18 7.29 -7.72
CA GLY A 194 1.60 8.28 -6.84
C GLY A 194 2.45 8.55 -5.62
N ASP A 195 3.70 8.12 -5.68
CA ASP A 195 4.49 7.91 -4.47
C ASP A 195 5.87 7.41 -4.91
N MET A 196 6.91 7.68 -4.13
CA MET A 196 8.19 7.05 -4.40
C MET A 196 8.59 6.15 -3.24
N ASP A 197 8.99 4.91 -3.53
CA ASP A 197 9.26 3.91 -2.50
C ASP A 197 10.68 3.40 -2.56
N VAL A 198 11.52 3.95 -1.70
CA VAL A 198 12.94 3.65 -1.73
C VAL A 198 13.32 2.60 -0.70
N LEU A 199 14.15 1.65 -1.12
CA LEU A 199 14.65 0.63 -0.22
C LEU A 199 16.14 0.85 -0.10
N LEU A 200 16.61 0.93 1.14
CA LEU A 200 18.00 1.30 1.36
C LEU A 200 18.69 0.23 2.19
N THR A 201 19.98 0.03 1.93
CA THR A 201 20.75 -0.93 2.70
C THR A 201 22.23 -0.57 2.61
N HIS A 202 23.05 -1.25 3.43
CA HIS A 202 24.49 -1.08 3.49
C HIS A 202 25.07 -2.42 3.94
N PRO A 203 26.29 -2.76 3.48
CA PRO A 203 26.95 -4.02 3.80
C PRO A 203 27.15 -4.31 5.30
N ASN A 204 27.35 -3.30 6.13
CA ASN A 204 27.54 -3.60 7.54
C ASN A 204 26.29 -3.42 8.41
N PHE A 205 25.14 -3.45 7.77
CA PHE A 205 23.89 -3.68 8.47
C PHE A 205 23.30 -5.00 7.97
N THR A 206 23.34 -6.01 8.81
CA THR A 206 22.81 -7.34 8.48
C THR A 206 21.85 -7.74 9.58
N SER A 207 21.16 -8.86 9.39
CA SER A 207 20.10 -9.27 10.32
C SER A 207 20.68 -9.76 11.64
N GLU A 208 22.01 -9.87 11.69
CA GLU A 208 22.73 -10.38 12.85
C GLU A 208 23.62 -9.32 13.48
N SER A 209 23.66 -8.13 12.88
CA SER A 209 24.61 -7.09 13.26
C SER A 209 24.14 -6.15 14.38
N SER A 210 25.01 -5.20 14.73
CA SER A 210 24.75 -4.27 15.82
C SER A 210 23.93 -3.06 15.40
N LYS A 211 23.11 -3.25 14.36
CA LYS A 211 22.10 -2.27 13.94
C LYS A 211 22.63 -1.00 13.27
N GLN A 212 23.22 -0.09 14.06
CA GLN A 212 23.68 1.21 13.58
CA GLN A 212 23.69 1.20 13.58
C GLN A 212 22.56 2.00 12.92
N PRO A 213 21.81 2.78 13.73
CA PRO A 213 20.65 3.56 13.30
C PRO A 213 20.98 4.69 12.32
N LYS A 214 22.17 5.26 12.48
CA LYS A 214 22.58 6.43 11.70
C LYS A 214 22.69 6.21 10.19
N LEU A 215 22.51 4.96 9.72
CA LEU A 215 22.58 4.70 8.29
C LEU A 215 21.42 5.38 7.56
N LEU A 216 20.23 5.29 8.14
CA LEU A 216 19.05 5.91 7.55
C LEU A 216 19.06 7.43 7.76
N HIS A 217 19.40 7.89 8.97
CA HIS A 217 19.40 9.33 9.27
C HIS A 217 20.38 10.14 8.43
N ARG A 218 21.53 9.55 8.13
CA ARG A 218 22.54 10.27 7.38
C ARG A 218 22.02 10.63 6.00
N VAL A 219 21.30 9.69 5.38
CA VAL A 219 20.76 9.93 4.03
C VAL A 219 19.54 10.85 4.06
N VAL A 220 18.66 10.67 5.06
CA VAL A 220 17.56 11.61 5.27
C VAL A 220 18.08 13.06 5.47
N GLU A 221 19.00 13.23 6.40
CA GLU A 221 19.57 14.55 6.68
C GLU A 221 20.17 15.21 5.44
N GLN A 222 20.93 14.43 4.68
CA GLN A 222 21.58 14.95 3.48
C GLN A 222 20.58 15.33 2.38
N LEU A 223 19.41 14.72 2.40
CA LEU A 223 18.40 15.03 1.39
C LEU A 223 17.60 16.27 1.80
N GLN A 224 17.48 16.49 3.10
CA GLN A 224 16.95 17.76 3.60
C GLN A 224 17.94 18.88 3.34
N LYS A 225 19.23 18.56 3.46
CA LYS A 225 20.27 19.55 3.27
C LYS A 225 20.26 20.09 1.84
N VAL A 226 19.98 19.24 0.87
CA VAL A 226 19.92 19.73 -0.50
C VAL A 226 18.51 20.14 -0.91
N ARG A 227 17.60 20.15 0.08
CA ARG A 227 16.24 20.64 -0.07
C ARG A 227 15.33 19.76 -0.94
N PHE A 228 15.71 18.49 -1.10
CA PHE A 228 14.83 17.52 -1.74
C PHE A 228 13.71 17.13 -0.78
N ILE A 229 14.07 16.69 0.43
CA ILE A 229 13.08 16.41 1.46
C ILE A 229 12.74 17.68 2.22
N THR A 230 11.43 17.98 2.30
CA THR A 230 10.93 19.24 2.84
C THR A 230 10.17 19.07 4.14
N ASP A 231 9.63 17.88 4.36
CA ASP A 231 8.81 17.67 5.55
C ASP A 231 8.94 16.23 6.04
N THR A 232 8.71 16.02 7.33
CA THR A 232 8.80 14.67 7.87
C THR A 232 7.48 14.26 8.48
N LEU A 233 6.92 13.16 7.98
CA LEU A 233 5.71 12.58 8.58
C LEU A 233 6.08 11.62 9.71
N SER A 234 7.01 10.70 9.46
CA SER A 234 7.55 9.87 10.55
C SER A 234 9.03 9.46 10.33
N LYS A 235 9.76 9.20 11.42
CA LYS A 235 11.19 8.90 11.27
C LYS A 235 11.78 8.10 12.43
N GLY A 236 12.00 6.81 12.21
CA GLY A 236 12.63 5.97 13.21
C GLY A 236 13.99 5.53 12.70
N GLU A 237 14.56 4.51 13.32
CA GLU A 237 15.88 3.97 12.97
C GLU A 237 15.89 3.06 11.74
N THR A 238 14.73 2.62 11.27
CA THR A 238 14.67 1.84 10.04
C THR A 238 13.71 2.40 8.97
N LYS A 239 12.77 3.27 9.38
CA LYS A 239 11.68 3.72 8.50
C LYS A 239 11.52 5.25 8.47
N PHE A 240 11.49 5.82 7.27
CA PHE A 240 11.23 7.25 7.14
C PHE A 240 10.06 7.43 6.21
N MET A 241 9.12 8.30 6.59
CA MET A 241 8.05 8.70 5.67
C MET A 241 7.99 10.19 5.68
N GLY A 242 7.96 10.78 4.49
CA GLY A 242 7.99 12.23 4.43
C GLY A 242 7.62 12.78 3.09
N VAL A 243 8.13 13.98 2.81
CA VAL A 243 7.68 14.75 1.66
C VAL A 243 8.90 15.25 0.94
N CYS A 244 8.85 15.21 -0.37
CA CYS A 244 9.94 15.75 -1.16
C CYS A 244 9.43 16.65 -2.31
N GLN A 245 10.38 17.28 -2.99
CA GLN A 245 10.06 18.17 -4.07
C GLN A 245 11.25 18.25 -5.02
N LEU A 246 10.97 18.31 -6.30
CA LEU A 246 12.01 18.58 -7.27
C LEU A 246 12.46 20.05 -7.18
N PRO A 247 13.75 20.33 -7.43
CA PRO A 247 14.19 21.72 -7.40
C PRO A 247 13.52 22.53 -8.50
N SER A 248 12.92 23.65 -8.15
CA SER A 248 12.27 24.51 -9.14
C SER A 248 13.33 25.26 -9.91
N GLU A 249 12.96 25.75 -11.10
CA GLU A 249 13.89 26.49 -11.96
C GLU A 249 13.93 27.97 -11.57
N ASN A 250 14.85 28.32 -10.67
CA ASN A 250 15.06 29.70 -10.26
C ASN A 250 13.79 30.38 -9.76
N ASP A 251 13.00 30.92 -10.68
CA ASP A 251 11.67 31.39 -10.34
C ASP A 251 10.63 30.44 -10.94
N GLU A 252 9.67 31.01 -11.68
CA GLU A 252 8.61 30.26 -12.36
C GLU A 252 7.97 29.07 -11.61
N ASN A 253 7.54 28.07 -12.36
CA ASN A 253 6.77 26.94 -11.82
C ASN A 253 7.45 26.12 -10.72
N GLU A 254 6.83 26.10 -9.54
CA GLU A 254 7.26 25.20 -8.47
C GLU A 254 6.60 23.85 -8.63
N TYR A 255 7.40 22.79 -8.53
CA TYR A 255 6.92 21.43 -8.65
C TYR A 255 6.06 21.04 -7.46
N PRO A 256 5.09 20.13 -7.67
CA PRO A 256 4.21 19.74 -6.59
C PRO A 256 5.01 18.95 -5.58
N HIS A 257 4.57 18.93 -4.33
CA HIS A 257 5.22 18.10 -3.32
C HIS A 257 4.74 16.64 -3.43
N ARG A 258 5.63 15.69 -3.12
CA ARG A 258 5.33 14.27 -3.30
C ARG A 258 5.62 13.46 -2.05
N ARG A 259 4.88 12.39 -1.85
CA ARG A 259 5.19 11.46 -0.78
C ARG A 259 6.36 10.58 -1.17
N ILE A 260 7.29 10.39 -0.23
CA ILE A 260 8.40 9.48 -0.42
C ILE A 260 8.59 8.75 0.88
N ASP A 261 8.81 7.44 0.78
CA ASP A 261 9.16 6.59 1.92
C ASP A 261 10.57 6.07 1.73
N ILE A 262 11.38 6.03 2.78
CA ILE A 262 12.71 5.41 2.69
C ILE A 262 12.90 4.43 3.81
N ARG A 263 13.30 3.21 3.44
CA ARG A 263 13.32 2.09 4.36
C ARG A 263 14.68 1.40 4.36
N LEU A 264 15.32 1.34 5.53
CA LEU A 264 16.57 0.61 5.73
C LEU A 264 16.31 -0.86 6.04
N ILE A 265 16.91 -1.74 5.25
CA ILE A 265 16.72 -3.20 5.36
C ILE A 265 18.08 -3.92 5.46
N PRO A 266 18.20 -4.94 6.32
CA PRO A 266 19.43 -5.74 6.41
C PRO A 266 19.93 -6.17 5.03
N LYS A 267 21.25 -6.17 4.80
CA LYS A 267 21.81 -6.60 3.50
C LYS A 267 21.37 -8.01 3.04
N ASP A 268 21.31 -8.95 3.96
CA ASP A 268 21.02 -10.33 3.60
C ASP A 268 19.53 -10.53 3.38
N GLN A 269 18.76 -9.45 3.52
CA GLN A 269 17.32 -9.49 3.29
C GLN A 269 16.91 -8.49 2.23
N TYR A 270 17.90 -7.84 1.62
CA TYR A 270 17.59 -6.73 0.73
C TYR A 270 16.86 -7.14 -0.55
N TYR A 271 17.41 -8.11 -1.27
CA TYR A 271 16.84 -8.43 -2.57
C TYR A 271 15.48 -9.09 -2.50
N CYS A 272 15.16 -9.74 -1.38
CA CYS A 272 13.82 -10.29 -1.19
C CYS A 272 12.82 -9.15 -1.04
N GLY A 273 13.24 -8.08 -0.35
CA GLY A 273 12.41 -6.89 -0.20
C GLY A 273 12.20 -6.16 -1.51
N VAL A 274 13.30 -5.90 -2.23
CA VAL A 274 13.26 -5.27 -3.53
C VAL A 274 12.35 -6.05 -4.45
N LEU A 275 12.57 -7.35 -4.52
CA LEU A 275 11.68 -8.25 -5.25
C LEU A 275 10.23 -8.06 -4.81
N TYR A 276 9.98 -8.17 -3.51
CA TYR A 276 8.60 -8.12 -3.01
C TYR A 276 7.94 -6.76 -3.22
N PHE A 277 8.69 -5.68 -3.07
CA PHE A 277 8.14 -4.34 -3.24
C PHE A 277 8.32 -3.78 -4.66
N THR A 278 8.83 -4.60 -5.58
CA THR A 278 8.78 -4.22 -6.99
C THR A 278 7.46 -4.72 -7.60
N GLY A 279 6.90 -5.75 -6.97
CA GLY A 279 5.67 -6.36 -7.43
C GLY A 279 5.83 -6.93 -8.82
N SER A 280 4.71 -7.13 -9.52
CA SER A 280 3.40 -6.71 -9.05
C SER A 280 2.71 -7.75 -8.14
N ASP A 281 1.57 -7.35 -7.57
CA ASP A 281 0.84 -8.19 -6.62
C ASP A 281 0.50 -9.56 -7.21
N ILE A 282 0.18 -9.56 -8.50
CA ILE A 282 -0.21 -10.79 -9.17
C ILE A 282 1.02 -11.62 -9.51
N PHE A 283 2.08 -10.92 -9.87
CA PHE A 283 3.37 -11.57 -10.14
C PHE A 283 3.83 -12.28 -8.89
N ASN A 284 3.88 -11.53 -7.80
CA ASN A 284 4.25 -12.03 -6.48
C ASN A 284 3.52 -13.31 -6.10
N LYS A 285 2.19 -13.28 -6.17
CA LYS A 285 1.39 -14.48 -5.92
C LYS A 285 1.78 -15.65 -6.85
N ASN A 286 1.97 -15.37 -8.13
CA ASN A 286 2.37 -16.42 -9.08
C ASN A 286 3.76 -16.99 -8.76
N MET A 287 4.61 -16.17 -8.16
CA MET A 287 6.00 -16.52 -7.92
C MET A 287 6.15 -17.35 -6.64
N ARG A 288 5.46 -16.93 -5.59
CA ARG A 288 5.42 -17.69 -4.35
C ARG A 288 4.64 -19.00 -4.55
N ALA A 289 3.69 -19.01 -5.50
CA ALA A 289 3.00 -20.23 -5.85
C ALA A 289 3.94 -21.21 -6.52
N HIS A 290 4.72 -20.73 -7.48
CA HIS A 290 5.71 -21.59 -8.15
C HIS A 290 6.77 -22.06 -7.15
N ALA A 291 7.20 -21.17 -6.26
CA ALA A 291 8.16 -21.53 -5.21
C ALA A 291 7.70 -22.74 -4.40
N LEU A 292 6.43 -22.73 -4.01
CA LEU A 292 5.83 -23.83 -3.26
C LEU A 292 5.89 -25.13 -4.05
N GLU A 293 5.74 -25.02 -5.37
CA GLU A 293 5.81 -26.19 -6.24
C GLU A 293 7.22 -26.76 -6.18
N LYS A 294 8.20 -25.89 -5.95
CA LYS A 294 9.58 -26.36 -5.95
C LYS A 294 10.04 -26.73 -4.55
N GLY A 295 9.24 -26.35 -3.56
CA GLY A 295 9.59 -26.63 -2.17
C GLY A 295 10.33 -25.47 -1.56
N PHE A 296 9.82 -24.27 -1.80
CA PHE A 296 10.38 -23.04 -1.24
C PHE A 296 9.26 -22.12 -0.81
N THR A 297 9.50 -21.36 0.26
CA THR A 297 8.58 -20.28 0.62
C THR A 297 9.29 -18.92 0.55
N ILE A 298 8.67 -18.00 -0.18
CA ILE A 298 9.22 -16.67 -0.36
C ILE A 298 8.34 -15.62 0.32
N ASN A 299 8.94 -14.84 1.20
CA ASN A 299 8.25 -13.68 1.73
C ASN A 299 9.12 -12.47 1.49
N GLU A 300 8.81 -11.35 2.16
CA GLU A 300 9.48 -10.09 1.83
C GLU A 300 10.89 -10.10 2.37
N TYR A 301 11.13 -11.00 3.32
CA TYR A 301 12.42 -11.08 3.99
C TYR A 301 13.31 -12.19 3.41
N THR A 302 12.76 -13.38 3.22
CA THR A 302 13.59 -14.56 2.93
C THR A 302 12.98 -15.53 1.97
N ILE A 303 13.83 -16.40 1.42
CA ILE A 303 13.38 -17.61 0.76
C ILE A 303 13.94 -18.82 1.50
N ARG A 304 13.04 -19.74 1.86
CA ARG A 304 13.39 -20.93 2.63
C ARG A 304 13.00 -22.22 1.93
N PRO A 305 13.83 -23.27 2.04
CA PRO A 305 13.45 -24.58 1.49
C PRO A 305 12.31 -25.17 2.30
N LEU A 306 11.53 -26.08 1.72
CA LEU A 306 10.47 -26.70 2.50
C LEU A 306 10.71 -28.19 2.72
N GLY A 307 10.45 -28.66 3.94
CA GLY A 307 10.76 -30.02 4.34
C GLY A 307 9.72 -31.03 3.94
N VAL A 308 10.02 -32.30 4.22
CA VAL A 308 9.14 -33.42 3.92
C VAL A 308 7.74 -33.20 4.51
N THR A 309 7.69 -32.70 5.74
CA THR A 309 6.43 -32.46 6.42
C THR A 309 5.81 -31.13 6.01
N GLY A 310 6.25 -30.59 4.88
CA GLY A 310 5.71 -29.36 4.35
C GLY A 310 6.05 -28.13 5.18
N VAL A 311 7.07 -28.24 6.01
CA VAL A 311 7.50 -27.10 6.81
C VAL A 311 8.99 -27.13 7.09
N ALA A 312 9.68 -26.10 6.61
CA ALA A 312 11.10 -25.94 6.90
C ALA A 312 11.50 -24.48 6.84
N GLY A 313 12.75 -24.24 7.19
CA GLY A 313 13.24 -22.89 7.32
C GLY A 313 14.68 -22.82 6.91
N GLU A 314 15.50 -22.20 7.74
CA GLU A 314 16.85 -21.82 7.37
C GLU A 314 16.83 -21.01 6.08
N PRO A 315 16.82 -19.67 6.22
CA PRO A 315 16.93 -18.73 5.10
C PRO A 315 18.12 -19.09 4.22
N LEU A 316 17.93 -19.00 2.91
CA LEU A 316 18.98 -19.31 1.96
C LEU A 316 19.70 -18.03 1.63
N PRO A 317 20.98 -18.13 1.27
CA PRO A 317 21.75 -16.91 0.99
C PRO A 317 21.28 -16.25 -0.29
N VAL A 318 21.01 -14.96 -0.23
CA VAL A 318 20.57 -14.20 -1.38
C VAL A 318 21.29 -12.86 -1.40
N ASP A 319 21.99 -12.59 -2.49
CA ASP A 319 22.68 -11.32 -2.71
C ASP A 319 22.34 -10.78 -4.10
N SER A 320 21.09 -11.00 -4.51
CA SER A 320 20.66 -10.73 -5.87
C SER A 320 19.18 -11.10 -6.05
N GLU A 321 18.47 -10.41 -6.95
CA GLU A 321 17.13 -10.86 -7.31
C GLU A 321 17.30 -12.15 -8.09
N GLN A 322 18.26 -12.16 -9.01
CA GLN A 322 18.61 -13.36 -9.78
C GLN A 322 18.72 -14.63 -8.93
N ASP A 323 19.29 -14.54 -7.73
CA ASP A 323 19.49 -15.70 -6.87
C ASP A 323 18.16 -16.32 -6.50
N ILE A 324 17.20 -15.49 -6.11
CA ILE A 324 15.87 -15.98 -5.82
C ILE A 324 15.31 -16.74 -7.02
N PHE A 325 15.50 -16.19 -8.23
CA PHE A 325 14.99 -16.86 -9.41
C PHE A 325 15.70 -18.18 -9.61
N ASP A 326 17.03 -18.19 -9.36
CA ASP A 326 17.81 -19.40 -9.52
C ASP A 326 17.27 -20.55 -8.66
N TYR A 327 17.04 -20.28 -7.38
CA TYR A 327 16.50 -21.28 -6.47
C TYR A 327 15.19 -21.95 -6.91
N ILE A 328 14.25 -21.17 -7.42
CA ILE A 328 12.98 -21.76 -7.88
C ILE A 328 13.03 -22.20 -9.33
N GLN A 329 14.25 -22.21 -9.89
CA GLN A 329 14.50 -22.62 -11.26
C GLN A 329 13.70 -21.81 -12.29
N TRP A 330 13.61 -20.50 -12.05
CA TRP A 330 12.97 -19.59 -12.99
C TRP A 330 13.99 -18.74 -13.73
N ARG A 331 13.75 -18.55 -15.02
CA ARG A 331 14.50 -17.60 -15.83
C ARG A 331 14.28 -16.23 -15.21
N TYR A 332 15.36 -15.46 -15.05
CA TYR A 332 15.25 -14.13 -14.46
C TYR A 332 14.22 -13.29 -15.23
N ARG A 333 13.25 -12.76 -14.51
CA ARG A 333 12.20 -11.97 -15.12
C ARG A 333 12.47 -10.49 -14.89
N GLU A 334 12.58 -9.72 -15.97
CA GLU A 334 12.75 -8.28 -15.84
C GLU A 334 11.56 -7.72 -15.10
N PRO A 335 11.79 -6.67 -14.28
CA PRO A 335 10.71 -5.94 -13.62
C PRO A 335 9.72 -5.41 -14.66
N LYS A 336 10.26 -5.02 -15.81
CA LYS A 336 9.49 -4.60 -16.97
C LYS A 336 8.44 -5.63 -17.44
N ASP A 337 8.66 -6.92 -17.18
CA ASP A 337 7.62 -7.93 -17.45
C ASP A 337 7.18 -8.72 -16.22
N ARG A 338 6.93 -8.01 -15.12
CA ARG A 338 6.39 -8.62 -13.90
C ARG A 338 4.94 -8.20 -13.62
N SER A 339 4.12 -8.14 -14.66
CA SER A 339 2.71 -7.78 -14.50
C SER A 339 1.93 -8.97 -13.95
N GLU A 340 2.27 -10.16 -14.44
CA GLU A 340 1.64 -11.39 -13.97
C GLU A 340 2.68 -12.48 -13.69
NA NA D . 3.28 2.66 -1.79
NA NA E . 5.80 3.52 -5.93
NA NA F . -9.25 28.78 15.75
NA NA G . -7.26 6.43 5.51
#